data_9S2D
#
_entry.id   9S2D
#
_cell.length_a   54.718
_cell.length_b   54.718
_cell.length_c   110.851
_cell.angle_alpha   90.000
_cell.angle_beta   90.000
_cell.angle_gamma   90.000
#
_symmetry.space_group_name_H-M   'P 41'
#
loop_
_entity.id
_entity.type
_entity.pdbx_description
1 polymer 'Protein KHNYN'
2 water water
#
_entity_poly.entity_id   1
_entity_poly.type   'polypeptide(L)'
_entity_poly.pdbx_seq_one_letter_code
;TGTQRFKEALQDPFTLCLANVPGQPDLRHIVIDGSNVAMVHGLQHYFSSRGIAIAVQYFWDRGHRDITVFVPQWRFSKDA
KVRESHFLQKLYSLSLLSLTPSRVMDGKRISSYDDRFMVKLAEETDGIIVSNDQFRDLAEESEKWMAIIRERLLPFTFVG
NLFMVPDDPLGRNGPTLDEFLKKP
;
_entity_poly.pdbx_strand_id   A,B
#
# COMPACT_ATOMS: atom_id res chain seq x y z
N THR A 1 40.33 -7.67 3.25
CA THR A 1 40.77 -7.73 4.64
C THR A 1 40.24 -6.49 5.32
N GLY A 2 40.32 -6.45 6.64
CA GLY A 2 39.93 -5.27 7.38
C GLY A 2 38.47 -5.31 7.75
N THR A 3 38.20 -5.49 9.05
CA THR A 3 36.84 -5.57 9.52
C THR A 3 36.12 -4.23 9.33
N GLN A 4 36.79 -3.13 9.67
CA GLN A 4 36.23 -1.79 9.49
C GLN A 4 36.02 -1.45 8.02
N ARG A 5 37.03 -1.71 7.18
CA ARG A 5 36.93 -1.39 5.76
C ARG A 5 35.67 -2.00 5.18
N PHE A 6 35.41 -3.28 5.50
CA PHE A 6 34.26 -3.97 4.94
C PHE A 6 32.93 -3.41 5.45
N LYS A 7 32.87 -3.01 6.73
CA LYS A 7 31.63 -2.42 7.25
C LYS A 7 31.15 -1.25 6.38
N GLU A 8 32.05 -0.61 5.62
CA GLU A 8 31.62 0.24 4.51
C GLU A 8 31.05 -0.61 3.37
N ALA A 9 30.20 -1.56 3.77
CA ALA A 9 29.05 -2.02 3.02
C ALA A 9 27.92 -1.01 3.13
N LEU A 10 28.17 0.09 3.85
CA LEU A 10 27.25 1.22 3.92
C LEU A 10 27.24 2.05 2.65
N GLN A 11 28.27 1.93 1.82
CA GLN A 11 28.24 2.63 0.54
C GLN A 11 27.07 2.18 -0.33
N ASP A 12 26.55 0.97 -0.11
CA ASP A 12 25.33 0.53 -0.77
C ASP A 12 24.21 1.45 -0.30
N PRO A 13 23.57 2.22 -1.17
CA PRO A 13 22.74 3.35 -0.72
C PRO A 13 21.44 2.89 -0.09
N PHE A 14 21.05 3.54 1.02
CA PHE A 14 19.73 3.30 1.59
C PHE A 14 19.13 4.62 2.05
N THR A 15 17.96 4.96 1.52
CA THR A 15 17.26 6.15 1.99
C THR A 15 15.96 5.70 2.62
N LEU A 16 15.71 6.21 3.82
CA LEU A 16 14.45 6.00 4.52
C LEU A 16 13.43 6.86 3.82
N CYS A 17 12.58 6.26 3.00
CA CYS A 17 11.49 6.97 2.35
C CYS A 17 10.21 6.23 2.71
N LEU A 18 9.47 6.74 3.69
CA LEU A 18 8.20 6.14 4.10
C LEU A 18 7.08 6.75 3.26
N ALA A 19 6.51 5.93 2.38
CA ALA A 19 5.52 6.43 1.44
C ALA A 19 4.35 7.04 2.20
N ASN A 20 3.96 8.25 1.80
CA ASN A 20 2.93 8.99 2.52
C ASN A 20 1.54 8.47 2.14
N VAL A 21 1.23 7.28 2.63
CA VAL A 21 -0.10 6.69 2.40
C VAL A 21 -0.57 6.07 3.70
N PRO A 22 -1.89 6.08 3.93
CA PRO A 22 -2.40 5.49 5.18
C PRO A 22 -2.16 3.99 5.22
N GLY A 23 -2.05 3.46 6.44
CA GLY A 23 -1.76 2.07 6.62
C GLY A 23 -3.01 1.24 6.88
N GLN A 24 -2.81 -0.07 6.84
CA GLN A 24 -3.89 -1.01 7.05
C GLN A 24 -4.36 -0.94 8.51
N PRO A 25 -5.62 -1.27 8.78
CA PRO A 25 -6.22 -0.89 10.06
C PRO A 25 -6.07 -1.88 11.22
N ASP A 26 -5.98 -3.18 10.95
CA ASP A 26 -5.93 -4.18 12.02
C ASP A 26 -4.54 -4.80 12.22
N LEU A 27 -3.48 -4.05 11.96
CA LEU A 27 -2.13 -4.56 12.12
C LEU A 27 -1.63 -4.32 13.55
N ARG A 28 -0.72 -5.18 14.00
CA ARG A 28 -0.20 -5.10 15.36
C ARG A 28 0.86 -3.99 15.47
N HIS A 29 0.91 -3.36 16.65
CA HIS A 29 1.96 -2.40 16.98
C HIS A 29 3.31 -3.09 16.94
N ILE A 30 4.20 -2.60 16.09
CA ILE A 30 5.55 -3.14 15.94
C ILE A 30 6.43 -2.43 16.95
N VAL A 31 6.97 -3.20 17.88
CA VAL A 31 7.90 -2.69 18.90
C VAL A 31 9.28 -3.14 18.51
N ILE A 32 10.22 -2.21 18.37
CA ILE A 32 11.54 -2.52 17.82
C ILE A 32 12.58 -2.32 18.91
N ASP A 33 13.37 -3.36 19.14
CA ASP A 33 14.53 -3.19 20.00
C ASP A 33 15.58 -2.43 19.20
N GLY A 34 15.61 -1.10 19.32
CA GLY A 34 16.54 -0.32 18.52
C GLY A 34 18.01 -0.70 18.70
N SER A 35 18.42 -0.99 19.94
CA SER A 35 19.83 -1.33 20.21
C SER A 35 20.20 -2.65 19.58
N ASN A 36 19.40 -3.69 19.85
CA ASN A 36 19.66 -4.99 19.26
C ASN A 36 19.73 -4.89 17.75
N VAL A 37 18.70 -4.32 17.15
CA VAL A 37 18.70 -4.19 15.69
C VAL A 37 19.94 -3.45 15.22
N ALA A 38 20.26 -2.33 15.85
CA ALA A 38 21.39 -1.54 15.40
C ALA A 38 22.71 -2.29 15.60
N MET A 39 22.82 -3.06 16.67
CA MET A 39 24.05 -3.82 16.84
C MET A 39 24.14 -4.99 15.86
N VAL A 40 23.03 -5.67 15.59
CA VAL A 40 23.10 -6.78 14.64
C VAL A 40 23.55 -6.28 13.28
N HIS A 41 23.01 -5.14 12.84
CA HIS A 41 23.44 -4.60 11.56
C HIS A 41 24.91 -4.15 11.60
N GLY A 42 25.39 -3.82 12.80
CA GLY A 42 26.76 -3.36 12.96
C GLY A 42 27.63 -4.48 13.45
N LEU A 43 27.22 -5.70 13.13
CA LEU A 43 28.03 -6.89 13.35
C LEU A 43 28.49 -6.98 14.80
N GLN A 44 27.60 -6.59 15.71
CA GLN A 44 27.83 -6.60 17.16
C GLN A 44 29.01 -5.75 17.55
N HIS A 45 29.36 -4.78 16.71
CA HIS A 45 30.53 -3.95 16.95
C HIS A 45 30.18 -2.47 16.85
N TYR A 46 29.46 -2.09 15.80
CA TYR A 46 28.97 -0.74 15.58
C TYR A 46 27.49 -0.57 15.91
N PHE A 47 27.14 0.54 16.54
CA PHE A 47 25.73 0.90 16.65
C PHE A 47 25.31 1.45 15.29
N SER A 48 24.72 0.59 14.46
CA SER A 48 24.44 0.90 13.07
C SER A 48 22.98 1.32 12.94
N SER A 49 22.74 2.64 13.06
CA SER A 49 21.36 3.15 13.03
C SER A 49 20.63 2.78 11.74
N ARG A 50 21.34 2.64 10.62
CA ARG A 50 20.64 2.23 9.41
C ARG A 50 19.87 0.94 9.64
N GLY A 51 20.39 0.07 10.50
CA GLY A 51 19.65 -1.14 10.87
C GLY A 51 18.25 -0.83 11.32
N ILE A 52 18.10 0.16 12.19
CA ILE A 52 16.77 0.56 12.61
C ILE A 52 15.96 1.11 11.44
N ALA A 53 16.53 2.08 10.70
CA ALA A 53 15.80 2.66 9.57
C ALA A 53 15.31 1.58 8.61
N ILE A 54 16.18 0.64 8.26
CA ILE A 54 15.79 -0.46 7.37
C ILE A 54 14.60 -1.22 7.96
N ALA A 55 14.65 -1.53 9.26
CA ALA A 55 13.59 -2.34 9.87
C ALA A 55 12.26 -1.61 9.87
N VAL A 56 12.29 -0.30 10.14
CA VAL A 56 11.07 0.49 10.06
C VAL A 56 10.51 0.52 8.64
N GLN A 57 11.38 0.75 7.65
CA GLN A 57 10.88 0.76 6.26
C GLN A 57 10.15 -0.54 5.95
N TYR A 58 10.65 -1.67 6.47
CA TYR A 58 10.03 -2.96 6.19
C TYR A 58 8.58 -3.00 6.65
N PHE A 59 8.34 -2.67 7.93
CA PHE A 59 6.97 -2.71 8.45
C PHE A 59 6.13 -1.56 7.90
N TRP A 60 6.73 -0.39 7.71
CA TRP A 60 6.02 0.69 7.04
C TRP A 60 5.55 0.27 5.66
N ASP A 61 6.36 -0.54 4.96
CA ASP A 61 5.99 -0.97 3.62
C ASP A 61 4.85 -1.98 3.64
N ARG A 62 4.77 -2.81 4.68
CA ARG A 62 3.63 -3.72 4.80
C ARG A 62 2.36 -2.99 5.21
N GLY A 63 2.45 -1.70 5.54
CA GLY A 63 1.33 -0.91 5.97
C GLY A 63 1.20 -0.65 7.46
N HIS A 64 2.21 -1.01 8.26
CA HIS A 64 2.17 -0.73 9.69
C HIS A 64 2.42 0.75 9.92
N ARG A 65 1.59 1.38 10.76
CA ARG A 65 1.80 2.76 11.12
C ARG A 65 1.99 2.97 12.62
N ASP A 66 1.79 1.95 13.44
CA ASP A 66 2.04 2.01 14.89
C ASP A 66 3.35 1.28 15.15
N ILE A 67 4.44 2.02 15.11
CA ILE A 67 5.79 1.48 15.23
C ILE A 67 6.57 2.33 16.23
N THR A 68 7.28 1.67 17.13
CA THR A 68 8.07 2.38 18.13
C THR A 68 9.46 1.78 18.18
N VAL A 69 10.46 2.56 17.85
CA VAL A 69 11.83 2.12 18.07
C VAL A 69 12.25 2.65 19.42
N PHE A 70 12.60 1.76 20.31
CA PHE A 70 13.21 2.16 21.56
C PHE A 70 14.71 2.21 21.37
N VAL A 71 15.32 3.33 21.76
CA VAL A 71 16.76 3.47 21.76
C VAL A 71 17.14 4.24 23.03
N PRO A 72 18.21 3.85 23.71
CA PRO A 72 18.61 4.59 24.92
C PRO A 72 18.88 6.05 24.64
N GLN A 73 18.56 6.90 25.63
CA GLN A 73 18.73 8.34 25.51
C GLN A 73 20.16 8.70 25.19
N TRP A 74 21.12 7.99 25.81
CA TRP A 74 22.52 8.30 25.61
C TRP A 74 23.02 7.91 24.23
N ARG A 75 22.30 7.04 23.51
CA ARG A 75 22.64 6.76 22.12
C ARG A 75 22.37 7.94 21.22
N PHE A 76 21.91 9.06 21.77
CA PHE A 76 21.78 10.29 21.01
C PHE A 76 22.95 11.24 21.24
N SER A 77 23.86 10.89 22.15
CA SER A 77 25.03 11.71 22.39
C SER A 77 26.06 11.48 21.30
N ALA A 80 28.25 8.89 20.75
CA ALA A 80 28.20 7.65 21.53
C ALA A 80 28.49 6.39 20.70
N LYS A 81 29.42 6.50 19.74
CA LYS A 81 29.81 5.40 18.85
C LYS A 81 28.68 4.97 17.91
N VAL A 82 27.72 5.87 17.66
CA VAL A 82 26.54 5.57 16.85
C VAL A 82 26.85 5.86 15.39
N ARG A 83 26.69 4.87 14.53
CA ARG A 83 26.89 5.06 13.10
C ARG A 83 25.60 5.52 12.43
N GLU A 84 25.70 6.58 11.63
CA GLU A 84 24.58 7.18 10.90
C GLU A 84 23.46 7.61 11.85
N SER A 85 23.83 8.39 12.88
CA SER A 85 22.85 8.86 13.85
C SER A 85 21.76 9.70 13.22
N HIS A 86 22.00 10.24 12.02
CA HIS A 86 21.00 11.02 11.32
C HIS A 86 19.71 10.23 11.07
N PHE A 87 19.78 8.90 11.01
CA PHE A 87 18.58 8.08 10.86
C PHE A 87 17.73 8.07 12.12
N LEU A 88 18.37 8.10 13.30
CA LEU A 88 17.65 8.25 14.56
C LEU A 88 16.93 9.60 14.64
N GLN A 89 17.64 10.68 14.26
CA GLN A 89 17.00 12.00 14.27
C GLN A 89 15.74 12.01 13.41
N LYS A 90 15.80 11.37 12.24
CA LYS A 90 14.65 11.34 11.36
C LYS A 90 13.53 10.49 11.97
N LEU A 91 13.88 9.36 12.60
CA LEU A 91 12.85 8.51 13.20
C LEU A 91 12.20 9.20 14.39
N TYR A 92 13.01 9.79 15.27
CA TYR A 92 12.48 10.57 16.37
C TYR A 92 11.48 11.60 15.88
N SER A 93 11.88 12.46 14.97
CA SER A 93 10.95 13.48 14.53
C SER A 93 9.71 12.95 13.80
N LEU A 94 9.70 11.68 13.35
CA LEU A 94 8.48 11.15 12.75
C LEU A 94 7.67 10.30 13.71
N SER A 95 7.83 10.53 15.02
CA SER A 95 7.05 9.84 16.08
C SER A 95 7.12 8.33 15.93
N LEU A 96 8.31 7.82 15.58
CA LEU A 96 8.52 6.39 15.46
C LEU A 96 9.54 5.88 16.46
N LEU A 97 10.15 6.78 17.25
CA LEU A 97 11.29 6.44 18.10
C LEU A 97 11.10 7.09 19.46
N SER A 98 11.16 6.29 20.53
CA SER A 98 11.12 6.84 21.89
C SER A 98 12.41 6.51 22.60
N LEU A 99 12.97 7.50 23.28
CA LEU A 99 14.21 7.35 24.02
C LEU A 99 13.90 6.77 25.41
N THR A 100 14.47 5.61 25.71
CA THR A 100 14.41 5.13 27.07
C THR A 100 15.34 5.97 27.95
N PRO A 101 14.92 6.29 29.19
CA PRO A 101 15.70 7.21 30.04
C PRO A 101 16.87 6.56 30.79
N ASP A 114 16.38 -1.73 30.76
CA ASP A 114 15.81 -1.09 29.58
C ASP A 114 14.85 -1.99 28.84
N ASP A 115 15.01 -3.31 29.02
CA ASP A 115 14.11 -4.23 28.34
C ASP A 115 12.69 -4.06 28.84
N ARG A 116 12.53 -3.57 30.06
CA ARG A 116 11.21 -3.46 30.66
C ARG A 116 10.29 -2.53 29.86
N PHE A 117 10.83 -1.52 29.18
CA PHE A 117 10.00 -0.58 28.42
C PHE A 117 9.32 -1.25 27.23
N MET A 118 10.06 -2.12 26.51
CA MET A 118 9.48 -2.86 25.39
C MET A 118 8.40 -3.82 25.85
N VAL A 119 8.63 -4.52 26.95
CA VAL A 119 7.63 -5.45 27.46
C VAL A 119 6.40 -4.69 27.93
N LYS A 120 6.62 -3.61 28.67
CA LYS A 120 5.53 -2.74 29.06
C LYS A 120 4.73 -2.28 27.84
N LEU A 121 5.41 -1.76 26.82
CA LEU A 121 4.72 -1.25 25.63
C LEU A 121 3.96 -2.35 24.92
N ALA A 122 4.63 -3.48 24.65
CA ALA A 122 4.01 -4.57 23.91
C ALA A 122 2.86 -5.19 24.70
N GLU A 123 2.95 -5.17 26.03
CA GLU A 123 1.80 -5.50 26.87
C GLU A 123 0.61 -4.59 26.58
N GLU A 124 0.83 -3.27 26.58
CA GLU A 124 -0.28 -2.33 26.50
C GLU A 124 -0.93 -2.36 25.12
N THR A 125 -0.14 -2.54 24.07
CA THR A 125 -0.67 -2.57 22.71
C THR A 125 -0.79 -4.02 22.26
N ASP A 126 -1.22 -4.24 21.04
CA ASP A 126 -1.30 -5.63 20.57
C ASP A 126 0.07 -6.30 20.69
N GLY A 127 1.12 -5.59 20.26
CA GLY A 127 2.49 -5.84 20.68
C GLY A 127 3.37 -6.94 20.13
N ILE A 128 4.24 -6.61 19.18
CA ILE A 128 5.24 -7.51 18.62
C ILE A 128 6.60 -6.90 18.94
N ILE A 129 7.50 -7.66 19.55
CA ILE A 129 8.85 -7.19 19.81
C ILE A 129 9.78 -7.71 18.72
N VAL A 130 10.48 -6.80 18.06
CA VAL A 130 11.44 -7.15 17.02
C VAL A 130 12.81 -7.16 17.67
N SER A 131 13.36 -8.34 17.87
CA SER A 131 14.65 -8.49 18.55
C SER A 131 15.14 -9.90 18.34
N ASN A 132 16.45 -10.07 18.45
CA ASN A 132 17.02 -11.40 18.46
C ASN A 132 17.40 -11.77 19.88
N GLU A 141 17.37 -14.33 36.42
CA GLU A 141 16.44 -13.69 37.34
C GLU A 141 15.38 -12.88 36.60
N SER A 142 14.34 -12.50 37.34
CA SER A 142 13.19 -11.75 36.81
C SER A 142 12.72 -12.33 35.49
N GLU A 143 12.52 -13.65 35.48
CA GLU A 143 12.06 -14.34 34.28
C GLU A 143 10.69 -13.85 33.83
N LYS A 144 9.92 -13.23 34.73
CA LYS A 144 8.65 -12.66 34.33
C LYS A 144 8.81 -11.73 33.13
N TRP A 145 9.78 -10.81 33.21
CA TRP A 145 10.02 -9.90 32.10
C TRP A 145 10.67 -10.62 30.92
N MET A 146 11.64 -11.49 31.20
CA MET A 146 12.31 -12.26 30.16
C MET A 146 11.34 -13.14 29.38
N ALA A 147 10.35 -13.71 30.08
CA ALA A 147 9.41 -14.63 29.45
C ALA A 147 8.46 -13.90 28.51
N ILE A 148 7.89 -12.77 28.98
CA ILE A 148 6.96 -11.99 28.15
C ILE A 148 7.58 -11.68 26.79
N ILE A 149 8.90 -11.46 26.76
CA ILE A 149 9.56 -11.20 25.49
C ILE A 149 9.46 -12.42 24.59
N ARG A 150 9.66 -13.63 25.15
CA ARG A 150 9.57 -14.82 24.31
C ARG A 150 8.21 -14.89 23.64
N GLU A 151 7.17 -14.46 24.34
CA GLU A 151 5.83 -14.61 23.80
C GLU A 151 5.58 -13.77 22.56
N ARG A 152 6.35 -12.71 22.34
CA ARG A 152 6.00 -11.80 21.27
C ARG A 152 7.19 -11.49 20.38
N LEU A 153 8.22 -12.33 20.43
CA LEU A 153 9.48 -12.09 19.77
C LEU A 153 9.39 -12.30 18.27
N LEU A 154 9.99 -11.39 17.53
CA LEU A 154 10.09 -11.52 16.08
C LEU A 154 11.56 -11.39 15.77
N PRO A 155 12.25 -12.47 15.47
CA PRO A 155 13.68 -12.37 15.17
C PRO A 155 13.87 -11.97 13.72
N PHE A 156 15.11 -11.66 13.39
CA PHE A 156 15.38 -11.06 12.09
C PHE A 156 16.85 -11.27 11.79
N THR A 157 17.19 -11.03 10.53
CA THR A 157 18.56 -10.91 10.12
C THR A 157 18.66 -9.87 9.02
N PHE A 158 19.86 -9.32 8.84
CA PHE A 158 20.15 -8.42 7.73
C PHE A 158 21.04 -9.16 6.77
N VAL A 159 21.05 -8.72 5.53
CA VAL A 159 22.15 -9.14 4.69
C VAL A 159 22.99 -7.89 4.55
N GLY A 160 22.52 -6.95 3.73
CA GLY A 160 23.15 -5.64 3.71
C GLY A 160 22.09 -4.63 4.11
N ASN A 161 21.49 -3.94 3.15
CA ASN A 161 20.30 -3.17 3.46
C ASN A 161 19.05 -4.01 3.44
N LEU A 162 19.17 -5.32 3.41
CA LEU A 162 18.04 -6.22 3.25
C LEU A 162 17.66 -6.80 4.60
N PHE A 163 16.45 -6.50 5.04
CA PHE A 163 15.91 -6.95 6.32
C PHE A 163 15.03 -8.14 6.03
N MET A 164 15.25 -9.23 6.74
CA MET A 164 14.57 -10.47 6.45
C MET A 164 13.99 -10.97 7.75
N VAL A 165 12.74 -11.40 7.73
CA VAL A 165 12.16 -12.02 8.91
C VAL A 165 11.58 -13.37 8.51
N PRO A 166 11.53 -14.33 9.45
CA PRO A 166 11.04 -15.68 9.10
C PRO A 166 9.59 -15.62 8.62
N ASP A 167 9.24 -16.57 7.76
CA ASP A 167 7.88 -16.67 7.24
C ASP A 167 6.93 -17.43 8.16
N ASP A 168 7.47 -18.17 9.15
CA ASP A 168 6.70 -18.74 10.26
C ASP A 168 7.40 -18.28 11.52
N PRO A 169 7.03 -17.11 12.03
CA PRO A 169 7.76 -16.50 13.15
C PRO A 169 7.96 -17.42 14.32
N LEU A 170 7.02 -18.32 14.59
CA LEU A 170 7.04 -19.15 15.78
C LEU A 170 7.29 -20.63 15.47
N GLY A 171 7.78 -20.95 14.29
CA GLY A 171 7.90 -22.31 13.82
C GLY A 171 6.73 -22.71 12.95
N ARG A 172 6.82 -23.93 12.38
CA ARG A 172 5.75 -24.40 11.50
C ARG A 172 4.46 -24.67 12.27
N ASN A 173 4.56 -25.15 13.52
CA ASN A 173 3.39 -25.26 14.37
C ASN A 173 2.68 -23.91 14.52
N GLY A 174 3.45 -22.84 14.72
CA GLY A 174 2.87 -21.56 14.99
C GLY A 174 2.41 -20.86 13.72
N PRO A 175 2.23 -19.55 13.79
CA PRO A 175 1.54 -18.84 12.70
C PRO A 175 2.44 -18.49 11.52
N THR A 176 1.80 -17.96 10.47
CA THR A 176 2.53 -17.35 9.37
C THR A 176 2.87 -15.90 9.71
N LEU A 177 3.80 -15.33 8.94
CA LEU A 177 4.18 -13.95 9.17
C LEU A 177 2.98 -13.03 8.97
N ASP A 178 2.21 -13.25 7.91
CA ASP A 178 1.11 -12.34 7.59
C ASP A 178 0.11 -12.26 8.74
N GLU A 179 -0.23 -13.39 9.32
CA GLU A 179 -1.19 -13.44 10.41
C GLU A 179 -0.57 -13.10 11.76
N PHE A 180 0.74 -13.30 11.90
CA PHE A 180 1.41 -12.92 13.13
C PHE A 180 1.38 -11.42 13.34
N LEU A 181 1.39 -10.64 12.26
CA LEU A 181 1.41 -9.19 12.32
C LEU A 181 0.02 -8.58 12.22
N LYS A 182 -1.02 -9.41 12.24
CA LYS A 182 -2.40 -8.93 12.33
C LYS A 182 -2.87 -8.90 13.77
N LYS A 183 -3.76 -7.94 14.06
CA LYS A 183 -4.26 -7.79 15.43
C LYS A 183 -5.17 -8.95 15.80
N PRO A 184 -6.18 -9.33 14.98
CA PRO A 184 -6.97 -10.53 15.33
C PRO A 184 -6.17 -11.83 15.20
N THR B 1 16.45 -7.29 -16.68
CA THR B 1 16.12 -7.49 -15.28
C THR B 1 15.76 -6.17 -14.59
N GLY B 2 15.22 -6.26 -13.38
CA GLY B 2 14.86 -5.09 -12.61
C GLY B 2 13.42 -4.65 -12.83
N THR B 3 12.62 -4.79 -11.78
CA THR B 3 11.19 -4.44 -11.85
C THR B 3 11.00 -2.94 -12.05
N GLN B 4 11.79 -2.13 -11.33
CA GLN B 4 11.66 -0.67 -11.42
C GLN B 4 11.93 -0.21 -12.86
N ARG B 5 13.06 -0.66 -13.43
CA ARG B 5 13.49 -0.20 -14.76
C ARG B 5 12.49 -0.57 -15.84
N PHE B 6 12.05 -1.83 -15.87
CA PHE B 6 11.17 -2.29 -16.93
C PHE B 6 9.81 -1.61 -16.83
N LYS B 7 9.34 -1.38 -15.61
CA LYS B 7 8.09 -0.64 -15.40
C LYS B 7 8.13 0.76 -15.99
N GLU B 8 9.33 1.33 -16.18
CA GLU B 8 9.39 2.54 -16.99
C GLU B 8 9.09 2.21 -18.46
N ALA B 9 8.04 1.42 -18.64
CA ALA B 9 7.28 1.33 -19.88
C ALA B 9 6.34 2.52 -20.01
N LEU B 10 6.40 3.45 -19.05
CA LEU B 10 5.73 4.73 -19.15
C LEU B 10 6.42 5.65 -20.16
N GLN B 11 7.65 5.36 -20.56
CA GLN B 11 8.28 6.13 -21.63
C GLN B 11 7.48 6.06 -22.92
N ASP B 12 6.67 5.02 -23.11
CA ASP B 12 5.75 4.92 -24.25
C ASP B 12 4.69 6.03 -24.16
N PRO B 13 4.59 6.92 -25.15
CA PRO B 13 3.77 8.13 -24.95
C PRO B 13 2.28 7.83 -25.03
N PHE B 14 1.53 8.43 -24.10
CA PHE B 14 0.08 8.43 -24.12
C PHE B 14 -0.44 9.80 -23.73
N THR B 15 -1.36 10.34 -24.53
CA THR B 15 -1.99 11.63 -24.26
C THR B 15 -3.46 11.45 -23.94
N LEU B 16 -3.91 12.03 -22.84
CA LEU B 16 -5.34 12.14 -22.56
C LEU B 16 -5.93 13.30 -23.36
N CYS B 17 -6.62 12.99 -24.46
CA CYS B 17 -7.38 13.99 -25.19
C CYS B 17 -8.81 13.51 -25.36
N LEU B 18 -9.74 14.07 -24.57
CA LEU B 18 -11.15 13.75 -24.69
C LEU B 18 -11.76 14.75 -25.67
N ALA B 19 -12.08 14.29 -26.88
CA ALA B 19 -12.57 15.20 -27.90
C ALA B 19 -13.86 15.87 -27.48
N ASN B 20 -13.89 17.20 -27.59
CA ASN B 20 -15.05 18.01 -27.21
C ASN B 20 -16.12 17.90 -28.32
N VAL B 21 -16.77 16.75 -28.33
CA VAL B 21 -17.84 16.44 -29.27
C VAL B 21 -18.97 15.75 -28.50
N PRO B 22 -20.20 15.83 -29.01
CA PRO B 22 -21.28 15.09 -28.34
C PRO B 22 -21.04 13.59 -28.45
N GLY B 23 -21.53 12.86 -27.45
CA GLY B 23 -21.39 11.41 -27.41
C GLY B 23 -22.66 10.69 -27.83
N GLN B 24 -22.54 9.36 -27.97
CA GLN B 24 -23.70 8.55 -28.30
C GLN B 24 -24.71 8.62 -27.16
N PRO B 25 -26.00 8.51 -27.46
CA PRO B 25 -27.02 8.97 -26.51
C PRO B 25 -27.54 7.91 -25.54
N ASP B 26 -27.50 6.63 -25.91
CA ASP B 26 -28.11 5.57 -25.12
C ASP B 26 -27.09 4.77 -24.30
N LEU B 27 -25.95 5.37 -23.95
CA LEU B 27 -24.87 4.62 -23.32
C LEU B 27 -24.99 4.57 -21.80
N ARG B 28 -24.41 3.52 -21.21
CA ARG B 28 -24.47 3.31 -19.78
C ARG B 28 -23.43 4.17 -19.08
N HIS B 29 -23.75 4.59 -17.85
CA HIS B 29 -22.78 5.30 -17.01
C HIS B 29 -21.59 4.38 -16.74
N ILE B 30 -20.39 4.85 -17.07
CA ILE B 30 -19.18 4.08 -16.85
C ILE B 30 -18.61 4.44 -15.48
N VAL B 31 -18.58 3.46 -14.59
CA VAL B 31 -18.06 3.60 -13.23
C VAL B 31 -16.72 2.88 -13.17
N ILE B 32 -15.66 3.60 -12.83
CA ILE B 32 -14.32 3.05 -12.93
C ILE B 32 -13.72 2.94 -11.53
N ASP B 33 -13.24 1.75 -11.19
CA ASP B 33 -12.49 1.53 -9.95
C ASP B 33 -11.09 2.12 -10.16
N GLY B 34 -10.96 3.41 -9.86
CA GLY B 34 -9.71 4.13 -10.12
C GLY B 34 -8.51 3.46 -9.46
N SER B 35 -8.72 2.92 -8.26
CA SER B 35 -7.62 2.27 -7.57
C SER B 35 -7.23 0.97 -8.25
N ASN B 36 -8.21 0.09 -8.49
CA ASN B 36 -7.92 -1.14 -9.21
C ASN B 36 -7.26 -0.84 -10.55
N VAL B 37 -7.88 0.03 -11.34
CA VAL B 37 -7.32 0.35 -12.67
C VAL B 37 -5.90 0.87 -12.53
N ALA B 38 -5.67 1.82 -11.61
CA ALA B 38 -4.33 2.40 -11.47
C ALA B 38 -3.31 1.37 -10.97
N MET B 39 -3.72 0.47 -10.06
CA MET B 39 -2.78 -0.53 -9.54
C MET B 39 -2.53 -1.66 -10.53
N VAL B 40 -3.56 -2.12 -11.25
CA VAL B 40 -3.37 -3.15 -12.27
C VAL B 40 -2.38 -2.66 -13.31
N HIS B 41 -2.52 -1.40 -13.72
CA HIS B 41 -1.57 -0.83 -14.66
C HIS B 41 -0.18 -0.73 -14.02
N GLY B 42 -0.13 -0.63 -12.69
CA GLY B 42 1.14 -0.47 -12.01
C GLY B 42 1.63 -1.77 -11.43
N LEU B 43 1.25 -2.88 -12.07
CA LEU B 43 1.73 -4.21 -11.71
C LEU B 43 1.52 -4.46 -10.22
N GLN B 44 0.41 -3.94 -9.72
CA GLN B 44 0.03 -4.08 -8.32
C GLN B 44 1.09 -3.52 -7.41
N HIS B 45 1.88 -2.57 -7.91
CA HIS B 45 2.96 -1.98 -7.13
C HIS B 45 2.84 -0.47 -7.09
N TYR B 46 2.72 0.14 -8.27
CA TYR B 46 2.66 1.59 -8.41
C TYR B 46 1.22 2.01 -8.63
N PHE B 47 0.83 3.09 -7.99
CA PHE B 47 -0.46 3.71 -8.32
C PHE B 47 -0.27 4.47 -9.62
N SER B 48 -0.60 3.83 -10.74
CA SER B 48 -0.29 4.35 -12.07
C SER B 48 -1.50 5.07 -12.64
N SER B 49 -1.56 6.39 -12.39
CA SER B 49 -2.73 7.17 -12.81
C SER B 49 -2.97 7.07 -14.30
N ARG B 50 -1.92 6.84 -15.09
CA ARG B 50 -2.13 6.75 -16.53
C ARG B 50 -3.15 5.68 -16.89
N GLY B 51 -3.19 4.59 -16.13
CA GLY B 51 -4.21 3.58 -16.32
C GLY B 51 -5.63 4.13 -16.29
N ILE B 52 -5.91 4.99 -15.33
CA ILE B 52 -7.24 5.58 -15.26
C ILE B 52 -7.52 6.40 -16.51
N ALA B 53 -6.56 7.27 -16.90
CA ALA B 53 -6.67 8.09 -18.09
C ALA B 53 -6.91 7.26 -19.36
N ILE B 54 -6.13 6.19 -19.54
CA ILE B 54 -6.34 5.26 -20.66
C ILE B 54 -7.74 4.66 -20.61
N ALA B 55 -8.20 4.28 -19.41
CA ALA B 55 -9.54 3.70 -19.28
C ALA B 55 -10.62 4.75 -19.59
N VAL B 56 -10.44 5.98 -19.10
CA VAL B 56 -11.41 7.03 -19.42
C VAL B 56 -11.39 7.31 -20.92
N GLN B 57 -10.18 7.42 -21.49
CA GLN B 57 -10.01 7.65 -22.92
C GLN B 57 -10.74 6.61 -23.74
N TYR B 58 -10.69 5.35 -23.33
CA TYR B 58 -11.32 4.30 -24.10
C TYR B 58 -12.82 4.54 -24.22
N PHE B 59 -13.50 4.71 -23.11
CA PHE B 59 -14.95 4.91 -23.11
C PHE B 59 -15.32 6.28 -23.65
N TRP B 60 -14.49 7.29 -23.42
CA TRP B 60 -14.76 8.57 -24.04
C TRP B 60 -14.74 8.46 -25.56
N ASP B 61 -13.86 7.62 -26.11
CA ASP B 61 -13.83 7.39 -27.55
C ASP B 61 -15.03 6.59 -28.04
N ARG B 62 -15.59 5.73 -27.22
CA ARG B 62 -16.76 5.03 -27.71
C ARG B 62 -17.98 5.92 -27.71
N GLY B 63 -17.88 7.11 -27.13
CA GLY B 63 -19.00 8.03 -27.03
C GLY B 63 -19.64 8.15 -25.67
N HIS B 64 -19.03 7.59 -24.63
CA HIS B 64 -19.56 7.75 -23.28
C HIS B 64 -19.25 9.14 -22.77
N ARG B 65 -20.24 9.79 -22.17
CA ARG B 65 -20.01 11.08 -21.54
C ARG B 65 -20.32 11.10 -20.05
N ASP B 66 -20.98 10.06 -19.53
CA ASP B 66 -21.23 9.95 -18.09
C ASP B 66 -20.26 8.89 -17.58
N ILE B 67 -19.12 9.37 -17.10
CA ILE B 67 -18.02 8.55 -16.61
C ILE B 67 -17.63 9.08 -15.24
N THR B 68 -17.43 8.17 -14.29
CA THR B 68 -16.99 8.57 -12.96
C THR B 68 -15.88 7.65 -12.53
N VAL B 69 -14.71 8.22 -12.33
CA VAL B 69 -13.60 7.49 -11.75
C VAL B 69 -13.62 7.73 -10.24
N PHE B 70 -13.77 6.67 -9.47
CA PHE B 70 -13.65 6.75 -8.02
C PHE B 70 -12.21 6.50 -7.61
N VAL B 71 -11.68 7.42 -6.79
CA VAL B 71 -10.34 7.36 -6.21
C VAL B 71 -10.40 7.93 -4.79
N PRO B 72 -9.68 7.36 -3.84
CA PRO B 72 -9.63 7.93 -2.49
C PRO B 72 -9.08 9.35 -2.49
N GLN B 73 -9.60 10.17 -1.57
CA GLN B 73 -9.16 11.56 -1.45
C GLN B 73 -7.66 11.67 -1.16
N TRP B 74 -7.13 10.76 -0.34
CA TRP B 74 -5.72 10.81 0.03
C TRP B 74 -4.77 10.48 -1.11
N ARG B 75 -5.26 9.86 -2.19
CA ARG B 75 -4.40 9.78 -3.37
C ARG B 75 -4.20 11.16 -4.00
N PHE B 76 -4.73 12.22 -3.40
CA PHE B 76 -4.50 13.59 -3.82
C PHE B 76 -3.48 14.33 -2.97
N SER B 77 -2.98 13.71 -1.90
CA SER B 77 -1.95 14.29 -1.06
C SER B 77 -0.55 14.07 -1.66
N LYS B 78 0.42 14.82 -1.13
CA LYS B 78 1.79 14.79 -1.62
C LYS B 78 2.49 13.48 -1.24
N ASP B 79 3.42 13.04 -2.11
CA ASP B 79 4.19 11.80 -1.93
C ASP B 79 3.28 10.61 -1.66
N ALA B 80 2.23 10.48 -2.47
CA ALA B 80 1.16 9.51 -2.24
C ALA B 80 1.33 8.22 -3.04
N LYS B 81 2.58 7.91 -3.44
CA LYS B 81 2.93 6.77 -4.29
C LYS B 81 2.28 6.86 -5.68
N VAL B 82 1.73 8.03 -6.03
CA VAL B 82 0.95 8.19 -7.26
C VAL B 82 1.87 8.60 -8.40
N ARG B 83 1.98 7.75 -9.41
CA ARG B 83 2.72 8.09 -10.61
C ARG B 83 1.80 8.83 -11.58
N GLU B 84 2.32 9.93 -12.13
CA GLU B 84 1.60 10.75 -13.12
C GLU B 84 0.29 11.30 -12.57
N SER B 85 0.38 11.90 -11.38
CA SER B 85 -0.75 12.50 -10.67
C SER B 85 -1.47 13.57 -11.46
N HIS B 86 -0.82 14.20 -12.44
CA HIS B 86 -1.47 15.22 -13.26
C HIS B 86 -2.66 14.66 -14.01
N PHE B 87 -2.74 13.36 -14.18
CA PHE B 87 -3.91 12.76 -14.83
C PHE B 87 -5.14 12.82 -13.92
N LEU B 88 -4.96 12.58 -12.61
CA LEU B 88 -6.08 12.66 -11.68
C LEU B 88 -6.67 14.07 -11.62
N GLN B 89 -5.80 15.09 -11.56
CA GLN B 89 -6.29 16.48 -11.50
C GLN B 89 -7.10 16.85 -12.75
N LYS B 90 -6.64 16.43 -13.92
CA LYS B 90 -7.39 16.77 -15.13
C LYS B 90 -8.75 16.10 -15.11
N LEU B 91 -8.80 14.84 -14.68
CA LEU B 91 -10.09 14.16 -14.63
C LEU B 91 -10.98 14.81 -13.58
N TYR B 92 -10.44 15.10 -12.39
CA TYR B 92 -11.19 15.84 -11.39
C TYR B 92 -11.75 17.14 -11.97
N SER B 93 -10.86 18.00 -12.46
CA SER B 93 -11.31 19.31 -12.92
C SER B 93 -12.30 19.19 -14.08
N LEU B 94 -12.35 18.02 -14.73
CA LEU B 94 -13.32 17.75 -15.78
C LEU B 94 -14.52 16.96 -15.28
N SER B 95 -14.81 17.01 -13.98
CA SER B 95 -16.00 16.37 -13.42
C SER B 95 -16.09 14.90 -13.85
N LEU B 96 -14.93 14.25 -13.95
CA LEU B 96 -14.83 12.84 -14.32
C LEU B 96 -14.27 12.03 -13.18
N LEU B 97 -13.92 12.65 -12.06
CA LEU B 97 -13.24 11.96 -10.97
C LEU B 97 -13.89 12.40 -9.66
N SER B 98 -14.38 11.42 -8.89
CA SER B 98 -14.98 11.66 -7.58
C SER B 98 -14.11 11.05 -6.51
N LEU B 99 -13.90 11.80 -5.45
CA LEU B 99 -13.09 11.35 -4.34
C LEU B 99 -13.97 10.55 -3.39
N THR B 100 -13.63 9.30 -3.16
CA THR B 100 -14.29 8.61 -2.07
C THR B 100 -13.76 9.19 -0.75
N PRO B 101 -14.62 9.43 0.20
CA PRO B 101 -14.15 10.01 1.45
C PRO B 101 -13.57 8.92 2.32
N SER B 102 -12.27 8.69 2.16
CA SER B 102 -11.62 7.63 2.91
C SER B 102 -11.14 8.21 4.23
N ARG B 103 -11.67 7.66 5.33
CA ARG B 103 -11.29 8.12 6.66
C ARG B 103 -9.87 7.66 6.99
N VAL B 104 -8.95 8.63 7.11
CA VAL B 104 -7.54 8.30 7.24
C VAL B 104 -7.17 7.98 8.68
N MET B 105 -7.76 8.66 9.65
CA MET B 105 -7.60 8.37 11.08
C MET B 105 -6.12 8.49 11.46
N ASP B 106 -5.70 7.73 12.47
CA ASP B 106 -4.33 7.81 13.00
C ASP B 106 -3.34 7.19 12.01
N GLY B 107 -3.33 7.76 10.81
CA GLY B 107 -2.51 7.26 9.73
C GLY B 107 -2.94 5.92 9.20
N LYS B 108 -4.15 5.44 9.53
CA LYS B 108 -4.60 4.11 9.14
C LYS B 108 -6.00 4.22 8.57
N ARG B 109 -6.15 3.81 7.30
CA ARG B 109 -7.47 3.76 6.69
C ARG B 109 -8.40 2.90 7.54
N ILE B 110 -9.50 3.50 7.99
CA ILE B 110 -10.50 2.77 8.76
C ILE B 110 -11.68 2.36 7.90
N SER B 111 -12.06 3.22 6.94
CA SER B 111 -13.26 3.01 6.13
C SER B 111 -13.43 1.55 5.73
N SER B 112 -12.38 0.95 5.14
CA SER B 112 -12.40 -0.43 4.66
C SER B 112 -13.60 -0.71 3.76
N TYR B 113 -14.33 0.35 3.36
CA TYR B 113 -15.45 0.24 2.44
C TYR B 113 -15.45 1.50 1.56
N ASP B 114 -14.60 1.49 0.55
CA ASP B 114 -14.62 2.51 -0.48
C ASP B 114 -15.31 2.03 -1.75
N ASP B 115 -15.36 0.71 -1.98
CA ASP B 115 -16.01 0.19 -3.18
C ASP B 115 -17.51 0.46 -3.16
N ARG B 116 -18.09 0.60 -1.96
CA ARG B 116 -19.52 0.73 -1.87
C ARG B 116 -20.00 1.93 -2.66
N PHE B 117 -19.18 2.98 -2.72
CA PHE B 117 -19.57 4.19 -3.45
C PHE B 117 -19.70 3.89 -4.93
N MET B 118 -18.79 3.06 -5.45
CA MET B 118 -18.86 2.63 -6.83
C MET B 118 -20.10 1.80 -7.10
N VAL B 119 -20.43 0.87 -6.20
CA VAL B 119 -21.63 0.08 -6.42
C VAL B 119 -22.86 0.96 -6.23
N LYS B 120 -22.86 1.77 -5.17
CA LYS B 120 -23.97 2.69 -4.93
C LYS B 120 -24.24 3.53 -6.17
N LEU B 121 -23.20 4.16 -6.72
CA LEU B 121 -23.39 4.95 -7.92
C LEU B 121 -23.95 4.09 -9.03
N ALA B 122 -23.35 2.92 -9.26
CA ALA B 122 -23.79 2.08 -10.36
C ALA B 122 -25.22 1.64 -10.16
N GLU B 123 -25.66 1.48 -8.91
CA GLU B 123 -27.07 1.23 -8.63
C GLU B 123 -27.94 2.41 -9.10
N GLU B 124 -27.55 3.62 -8.73
CA GLU B 124 -28.39 4.77 -9.04
C GLU B 124 -28.49 5.04 -10.53
N THR B 125 -27.43 4.77 -11.29
CA THR B 125 -27.35 5.12 -12.70
C THR B 125 -27.57 3.96 -13.67
N ASP B 126 -27.89 2.76 -13.18
CA ASP B 126 -27.91 1.57 -14.04
C ASP B 126 -26.64 1.55 -14.90
N GLY B 127 -25.51 1.84 -14.27
CA GLY B 127 -24.23 1.90 -14.95
C GLY B 127 -23.42 0.62 -14.87
N ILE B 128 -22.19 0.73 -15.40
CA ILE B 128 -21.24 -0.36 -15.54
C ILE B 128 -20.06 -0.07 -14.63
N ILE B 129 -19.67 -1.04 -13.81
CA ILE B 129 -18.46 -0.93 -12.99
C ILE B 129 -17.29 -1.57 -13.73
N VAL B 130 -16.21 -0.82 -13.90
CA VAL B 130 -15.00 -1.29 -14.56
C VAL B 130 -13.95 -1.65 -13.50
N SER B 131 -13.72 -2.95 -13.30
CA SER B 131 -12.80 -3.40 -12.25
C SER B 131 -12.45 -4.86 -12.46
N ASN B 132 -11.28 -5.25 -11.92
CA ASN B 132 -10.92 -6.66 -11.86
C ASN B 132 -11.12 -7.21 -10.46
N ASP B 133 -11.78 -6.47 -9.60
CA ASP B 133 -12.06 -6.92 -8.24
C ASP B 133 -13.35 -7.71 -8.28
N GLN B 134 -13.35 -8.85 -7.58
CA GLN B 134 -14.52 -9.71 -7.57
C GLN B 134 -15.68 -9.05 -6.82
N PHE B 135 -15.37 -8.20 -5.85
CA PHE B 135 -16.37 -7.57 -4.99
C PHE B 135 -17.21 -8.60 -4.27
N ARG B 136 -16.58 -9.71 -3.89
CA ARG B 136 -17.32 -10.83 -3.32
C ARG B 136 -18.09 -10.40 -2.08
N ASP B 137 -17.48 -9.58 -1.22
CA ASP B 137 -18.15 -9.16 0.00
C ASP B 137 -19.33 -8.23 -0.30
N LEU B 138 -19.12 -7.21 -1.13
CA LEU B 138 -20.18 -6.24 -1.39
C LEU B 138 -21.42 -6.91 -1.95
N ALA B 139 -21.22 -7.89 -2.84
CA ALA B 139 -22.35 -8.56 -3.47
C ALA B 139 -23.34 -9.05 -2.44
N GLU B 140 -22.90 -9.24 -1.21
CA GLU B 140 -23.74 -9.71 -0.13
C GLU B 140 -24.35 -8.60 0.71
N GLU B 141 -24.13 -7.33 0.36
CA GLU B 141 -24.69 -6.26 1.18
C GLU B 141 -26.09 -5.83 0.74
N SER B 142 -26.44 -6.04 -0.54
CA SER B 142 -27.72 -5.66 -1.08
C SER B 142 -28.13 -6.62 -2.18
N GLU B 143 -29.44 -6.86 -2.29
CA GLU B 143 -29.98 -7.73 -3.33
C GLU B 143 -29.76 -7.13 -4.72
N LYS B 144 -29.80 -5.80 -4.80
CA LYS B 144 -29.40 -5.06 -6.00
C LYS B 144 -27.90 -5.23 -6.29
N TRP B 145 -27.07 -5.17 -5.25
CA TRP B 145 -25.63 -5.18 -5.46
C TRP B 145 -25.17 -6.54 -5.97
N MET B 146 -25.79 -7.62 -5.48
CA MET B 146 -25.46 -8.93 -5.99
C MET B 146 -25.70 -8.99 -7.50
N ALA B 147 -26.76 -8.33 -7.97
CA ALA B 147 -27.06 -8.36 -9.40
C ALA B 147 -26.08 -7.50 -10.17
N ILE B 148 -25.86 -6.27 -9.70
CA ILE B 148 -24.90 -5.37 -10.34
C ILE B 148 -23.55 -6.04 -10.49
N ILE B 149 -23.10 -6.71 -9.42
CA ILE B 149 -21.78 -7.33 -9.43
C ILE B 149 -21.75 -8.53 -10.37
N ARG B 150 -22.78 -9.38 -10.31
CA ARG B 150 -22.85 -10.52 -11.21
C ARG B 150 -22.96 -10.09 -12.67
N GLU B 151 -23.73 -9.03 -12.94
CA GLU B 151 -24.12 -8.80 -14.32
C GLU B 151 -23.54 -7.54 -14.96
N ARG B 152 -22.96 -6.60 -14.19
CA ARG B 152 -22.54 -5.33 -14.75
C ARG B 152 -21.09 -5.00 -14.47
N LEU B 153 -20.31 -5.99 -14.07
CA LEU B 153 -18.89 -5.82 -13.85
C LEU B 153 -18.18 -5.98 -15.21
N LEU B 154 -17.22 -5.10 -15.51
CA LEU B 154 -16.47 -5.22 -16.75
C LEU B 154 -14.97 -5.27 -16.45
N PRO B 155 -14.36 -6.44 -16.53
CA PRO B 155 -12.93 -6.55 -16.22
C PRO B 155 -12.10 -6.12 -17.42
N PHE B 156 -10.80 -6.05 -17.21
CA PHE B 156 -9.98 -5.39 -18.21
C PHE B 156 -8.56 -5.89 -18.03
N THR B 157 -7.70 -5.59 -19.02
CA THR B 157 -6.27 -5.72 -18.79
C THR B 157 -5.53 -4.67 -19.58
N PHE B 158 -4.29 -4.42 -19.20
CA PHE B 158 -3.38 -3.57 -19.96
C PHE B 158 -2.23 -4.41 -20.51
N VAL B 159 -1.67 -3.97 -21.63
CA VAL B 159 -0.35 -4.45 -22.01
C VAL B 159 0.60 -3.27 -21.84
N GLY B 160 0.53 -2.31 -22.75
CA GLY B 160 1.30 -1.13 -22.45
C GLY B 160 0.34 -0.02 -22.12
N ASN B 161 0.15 0.90 -23.05
CA ASN B 161 -0.94 1.86 -22.99
C ASN B 161 -2.19 1.29 -23.64
N LEU B 162 -2.23 -0.02 -23.81
CA LEU B 162 -3.28 -0.67 -24.56
C LEU B 162 -4.28 -1.22 -23.57
N PHE B 163 -5.50 -0.70 -23.65
CA PHE B 163 -6.57 -1.08 -22.76
C PHE B 163 -7.44 -2.05 -23.50
N MET B 164 -7.73 -3.19 -22.87
CA MET B 164 -8.51 -4.22 -23.53
C MET B 164 -9.56 -4.73 -22.55
N VAL B 165 -10.78 -4.87 -23.05
CA VAL B 165 -11.88 -5.42 -22.26
C VAL B 165 -12.49 -6.56 -23.08
N PRO B 166 -13.10 -7.55 -22.45
CA PRO B 166 -13.64 -8.68 -23.22
C PRO B 166 -14.72 -8.20 -24.19
N ASP B 167 -14.78 -8.87 -25.35
CA ASP B 167 -15.76 -8.51 -26.37
C ASP B 167 -17.11 -9.18 -26.13
N ASP B 168 -17.16 -10.20 -25.26
CA ASP B 168 -18.42 -10.72 -24.73
C ASP B 168 -18.27 -10.77 -23.21
N PRO B 169 -18.54 -9.64 -22.53
CA PRO B 169 -18.27 -9.55 -21.08
C PRO B 169 -18.84 -10.68 -20.24
N LEU B 170 -20.00 -11.25 -20.60
CA LEU B 170 -20.57 -12.33 -19.81
C LEU B 170 -20.48 -13.67 -20.54
N GLY B 171 -19.61 -13.76 -21.54
CA GLY B 171 -19.49 -14.96 -22.34
C GLY B 171 -20.32 -14.88 -23.60
N ARG B 172 -20.17 -15.92 -24.44
CA ARG B 172 -20.98 -16.00 -25.66
C ARG B 172 -22.46 -16.21 -25.30
N ASN B 173 -22.71 -16.87 -24.17
CA ASN B 173 -24.05 -16.99 -23.62
C ASN B 173 -24.70 -15.61 -23.48
N GLY B 174 -23.96 -14.66 -22.92
CA GLY B 174 -24.44 -13.32 -22.66
C GLY B 174 -24.25 -12.35 -23.81
N PRO B 175 -24.24 -11.06 -23.49
CA PRO B 175 -24.31 -10.04 -24.54
C PRO B 175 -22.93 -9.73 -25.12
N THR B 176 -22.97 -8.94 -26.18
CA THR B 176 -21.78 -8.38 -26.78
C THR B 176 -21.34 -7.14 -26.02
N LEU B 177 -20.10 -6.72 -26.26
CA LEU B 177 -19.60 -5.55 -25.55
C LEU B 177 -20.44 -4.33 -25.88
N ASP B 178 -20.82 -4.17 -27.15
CA ASP B 178 -21.59 -3.00 -27.52
C ASP B 178 -22.92 -2.92 -26.79
N GLU B 179 -23.68 -4.03 -26.75
CA GLU B 179 -24.98 -3.88 -26.10
C GLU B 179 -24.83 -3.93 -24.57
N PHE B 180 -23.70 -4.45 -24.08
CA PHE B 180 -23.41 -4.43 -22.64
C PHE B 180 -23.29 -2.99 -22.15
N LEU B 181 -22.74 -2.11 -22.98
CA LEU B 181 -22.51 -0.73 -22.60
C LEU B 181 -23.65 0.19 -23.00
N LYS B 182 -24.73 -0.32 -23.60
CA LYS B 182 -25.91 0.49 -23.87
C LYS B 182 -26.99 0.26 -22.83
N LYS B 183 -27.83 1.28 -22.61
CA LYS B 183 -28.87 1.27 -21.58
C LYS B 183 -30.02 0.28 -21.82
#